data_7PTS
#
_entry.id   7PTS
#
_cell.length_a   1.00
_cell.length_b   1.00
_cell.length_c   1.00
_cell.angle_alpha   90.00
_cell.angle_beta   90.00
_cell.angle_gamma   90.00
#
_symmetry.space_group_name_H-M   'P 1'
#
_entity_poly.entity_id   1
_entity_poly.type   'polyribonucleotide'
_entity_poly.pdbx_seq_one_letter_code
;GGAACUUAUUCAUUAUACCCCUCAUUUUCGAGUGAGGCGGAUUAGAUUCGUCUGAUCGUAGUGGUGGUGGCUUGCUUCGG
CGAGCCCGGCAGGCCUUCGGGCUUGCUCAGGGGUUCGCUCCUGAGAUUAUCAUCCAACCUCCAAGGAUGGUAAUCCGGCG
UCGAUUGUAAGGUCUAAACAAUUGACGCACCACUACUACAGUCCCAACGACUGAGGGACUCGUCGACUCGGUUAAGAUCG
GAAACCGGGUCGAGGUAUAGUGAAUGAGUUCCAAUUCUCCAUUUACGGCAUCUUGUGCGAACCGAUCACGCACGAGAUGG
UCCUUACGGGGUGUCCCAACAGUCGAGGGGCACGCAGGAUGCCUAGAAUAGACCACUAGGUAUCCUCAGUGCGCCAUGCA
AUGGAGGAGCAUGGUGCACUGCAGGGCUCCUGAAAAGGAGUCCUGGCAGAAGGGUUCGCCUUUCUCCCGUAGGGACGACU
UUCUUUGAAAAAAGGAAGUCCCAGUUUGCUUCGGCGAACUCCGACUCUAGGAAACUAGGGUCGGGUAGAUGGAGAAUU
;
_entity_poly.pdbx_strand_id   A
#
loop_
_chem_comp.id
_chem_comp.type
_chem_comp.name
_chem_comp.formula
A RNA linking ADENOSINE-5'-MONOPHOSPHATE 'C10 H14 N5 O7 P'
C RNA linking CYTIDINE-5'-MONOPHOSPHATE 'C9 H14 N3 O8 P'
G RNA linking GUANOSINE-5'-MONOPHOSPHATE 'C10 H14 N5 O8 P'
U RNA linking URIDINE-5'-MONOPHOSPHATE 'C9 H13 N2 O9 P'
#